data_5YS6
#
_entry.id   5YS6
#
_cell.length_a   100.288
_cell.length_b   100.288
_cell.length_c   272.918
_cell.angle_alpha   90.00
_cell.angle_beta   90.00
_cell.angle_gamma   120.00
#
_symmetry.space_group_name_H-M   'H 3'
#
_entity_poly.entity_id   1
_entity_poly.type   'polypeptide(L)'
_entity_poly.pdbx_seq_one_letter_code
;AAVTRAASASPAPGTGATPDGFSAEESLEEIDGAVSPGPSDAPDGEYGDLDARTAVRAAATERDRFYVCPPPSGSTVVRL
EPEQACPEYSQGRNFTEGIAVLFKENIAPHKFKAHIYYKNVIVTTVWSGSTYAAITNRFTDRVPVPVQEITDVIDRRGKC
VSKAEYVRNNHKVTAFDRDENPVEVDLRPSRLNALGTRGWHTTNDTYTKIGAAGFYHTGTSVNCIVEEVEARSVYPYDSF
ALSTGDIVYMSPFYGLREGAHGEHIGYAPGRFQQVEHYYPIDLDSRLRASESVTRNFLRTPHFTVAWDWAPKTRRVCSLA
KWREAEEMIRDETRDGSFRFTSRALGASFVSDVTQLDLQRVHLGDCVLREASEAIDAIYRRRYNNTHVLAGDKPEVYLAR
GGFVVAFRPLISNELAQLYARELERLGLAGVVGPASPAAARRARRSPGPAGTPEPPAVNGTGHLRITTGSAEFARLQFTY
DHIQAHVNDMLSRIAAAWCELQNKDRTLWGEMSRLNPSAVATAALGQRVSARMLGDVMAISRCVEVRGGVYVQNSMRVPG
ERGTCYSRPLVTFEHNGTGVIEGQLGDDNELLISRDLIEPCTGNHRRYFKLGGGYVYYEDYSYVRMVEVPETISTRVTLN
LTLLEDREFLPLEVYTREELADTGLLDYSEIQRRNQLHALKFYDIDRVVKVDHNHHHHHHHH
;
_entity_poly.pdbx_strand_id   A
#
# COMPACT_ATOMS: atom_id res chain seq x y z
N ARG A 63 3.85 49.95 -35.50
CA ARG A 63 3.72 50.14 -36.94
C ARG A 63 3.41 48.82 -37.64
N ASP A 64 2.12 48.57 -37.86
CA ASP A 64 1.72 47.39 -38.62
C ASP A 64 1.44 47.76 -40.08
N ARG A 65 1.40 46.75 -40.94
CA ARG A 65 1.50 46.93 -42.37
C ARG A 65 0.27 47.50 -43.05
N PHE A 66 0.46 47.93 -44.30
CA PHE A 66 -0.64 48.29 -45.20
C PHE A 66 -0.76 47.19 -46.24
N TYR A 67 -1.96 47.00 -46.77
CA TYR A 67 -2.17 45.90 -47.70
C TYR A 67 -3.05 46.26 -48.91
N VAL A 68 -2.59 45.88 -50.10
CA VAL A 68 -3.44 45.96 -51.28
C VAL A 68 -3.92 44.56 -51.62
N CYS A 69 -5.22 44.42 -51.83
CA CYS A 69 -5.81 43.11 -52.08
C CYS A 69 -6.35 42.95 -53.50
N PRO A 70 -5.58 42.29 -54.37
CA PRO A 70 -5.99 42.08 -55.75
C PRO A 70 -7.28 41.28 -55.79
N PRO A 71 -8.21 41.63 -56.69
CA PRO A 71 -9.48 40.93 -56.85
C PRO A 71 -9.29 39.41 -56.97
N PRO A 72 -9.99 38.64 -56.13
CA PRO A 72 -9.84 37.18 -56.08
C PRO A 72 -10.47 36.49 -57.28
N SER A 73 -9.66 35.94 -58.18
CA SER A 73 -10.20 35.15 -59.29
C SER A 73 -10.37 33.71 -58.84
N GLY A 74 -11.06 32.91 -59.65
CA GLY A 74 -11.31 31.53 -59.30
C GLY A 74 -10.11 30.60 -59.39
N SER A 75 -8.91 31.17 -59.31
CA SER A 75 -7.66 30.40 -59.37
C SER A 75 -7.60 29.42 -58.21
N THR A 76 -7.74 29.95 -57.00
CA THR A 76 -7.85 29.11 -55.83
C THR A 76 -9.26 29.15 -55.31
N VAL A 77 -9.85 27.97 -55.17
CA VAL A 77 -11.18 27.84 -54.63
C VAL A 77 -11.14 26.91 -53.42
N VAL A 78 -11.71 27.38 -52.32
CA VAL A 78 -11.75 26.61 -51.07
C VAL A 78 -13.15 26.61 -50.49
N ARG A 79 -13.38 25.75 -49.50
CA ARG A 79 -14.62 25.78 -48.74
C ARG A 79 -14.32 25.68 -47.24
N LEU A 80 -15.34 25.90 -46.42
CA LEU A 80 -15.20 25.86 -44.98
C LEU A 80 -15.20 24.42 -44.45
N GLU A 81 -14.13 24.03 -43.74
CA GLU A 81 -13.98 22.68 -43.19
C GLU A 81 -15.22 22.26 -42.41
N PRO A 82 -15.79 21.10 -42.75
CA PRO A 82 -17.06 20.70 -42.13
C PRO A 82 -16.89 20.25 -40.68
N GLU A 83 -18.00 20.12 -39.97
CA GLU A 83 -17.99 19.60 -38.61
C GLU A 83 -17.34 18.24 -38.57
N GLN A 84 -16.71 17.94 -37.44
CA GLN A 84 -15.99 16.68 -37.30
C GLN A 84 -16.62 15.79 -36.25
N ALA A 85 -16.25 14.52 -36.29
CA ALA A 85 -16.71 13.54 -35.32
C ALA A 85 -16.02 13.78 -33.99
N CYS A 86 -16.81 13.82 -32.93
CA CYS A 86 -16.29 14.13 -31.61
C CYS A 86 -15.93 12.90 -30.80
N PRO A 87 -14.82 12.97 -30.06
CA PRO A 87 -14.29 11.86 -29.27
C PRO A 87 -15.33 11.29 -28.33
N GLU A 88 -15.46 9.97 -28.31
CA GLU A 88 -16.28 9.30 -27.32
C GLU A 88 -15.40 8.94 -26.12
N TYR A 89 -16.01 8.52 -25.03
CA TYR A 89 -15.26 8.06 -23.86
C TYR A 89 -15.07 6.56 -23.95
N SER A 90 -14.74 5.94 -22.83
CA SER A 90 -14.73 4.49 -22.73
C SER A 90 -16.03 4.03 -22.12
N GLN A 91 -16.35 2.75 -22.30
CA GLN A 91 -17.64 2.19 -21.91
C GLN A 91 -17.90 2.26 -20.40
N GLY A 92 -16.91 2.71 -19.63
CA GLY A 92 -17.03 2.70 -18.19
C GLY A 92 -16.72 1.31 -17.70
N ARG A 93 -15.67 1.19 -16.89
CA ARG A 93 -15.15 -0.10 -16.45
C ARG A 93 -16.19 -0.99 -15.76
N ASN A 94 -16.05 -2.29 -15.96
CA ASN A 94 -16.91 -3.28 -15.33
C ASN A 94 -16.44 -3.60 -13.91
N PHE A 95 -17.37 -3.59 -12.97
CA PHE A 95 -17.02 -3.83 -11.57
C PHE A 95 -17.56 -5.14 -11.03
N THR A 96 -17.08 -5.47 -9.84
CA THR A 96 -17.58 -6.60 -9.07
C THR A 96 -17.42 -6.26 -7.59
N GLU A 97 -18.50 -5.81 -6.96
CA GLU A 97 -18.48 -5.49 -5.54
C GLU A 97 -18.29 -6.77 -4.74
N GLY A 98 -18.07 -6.64 -3.44
CA GLY A 98 -17.96 -7.82 -2.59
C GLY A 98 -17.19 -7.64 -1.30
N ILE A 99 -16.97 -8.75 -0.61
CA ILE A 99 -16.27 -8.76 0.67
C ILE A 99 -15.01 -9.63 0.59
N ALA A 100 -13.89 -9.09 1.05
CA ALA A 100 -12.62 -9.81 0.95
C ALA A 100 -11.85 -9.83 2.27
N VAL A 101 -11.05 -10.88 2.45
CA VAL A 101 -10.13 -10.95 3.58
C VAL A 101 -8.70 -11.11 3.08
N LEU A 102 -7.79 -10.35 3.66
CA LEU A 102 -6.39 -10.40 3.24
C LEU A 102 -5.52 -11.23 4.20
N PHE A 103 -4.76 -12.14 3.63
CA PHE A 103 -3.90 -13.04 4.38
C PHE A 103 -2.44 -12.79 4.06
N LYS A 104 -1.62 -12.65 5.08
CA LYS A 104 -0.16 -12.49 4.91
C LYS A 104 0.58 -13.80 5.22
N GLU A 105 1.86 -13.85 4.87
CA GLU A 105 2.71 -15.00 5.24
C GLU A 105 2.92 -15.01 6.75
N ASN A 106 2.66 -16.15 7.39
CA ASN A 106 2.74 -16.23 8.83
C ASN A 106 4.17 -16.39 9.34
N ILE A 107 4.69 -15.31 9.93
CA ILE A 107 6.06 -15.29 10.43
C ILE A 107 6.13 -15.65 11.91
N ALA A 108 4.97 -15.90 12.51
CA ALA A 108 4.91 -16.10 13.95
C ALA A 108 5.23 -17.55 14.31
N PRO A 109 5.90 -17.76 15.46
CA PRO A 109 6.19 -19.14 15.87
C PRO A 109 4.95 -19.78 16.46
N HIS A 110 4.97 -21.11 16.57
CA HIS A 110 3.87 -21.85 17.17
C HIS A 110 4.07 -21.96 18.67
N LYS A 111 3.14 -21.38 19.44
CA LYS A 111 3.27 -21.30 20.89
C LYS A 111 2.28 -22.22 21.61
N PHE A 112 2.80 -23.12 22.44
CA PHE A 112 1.95 -23.99 23.26
C PHE A 112 2.43 -24.01 24.70
N LYS A 113 1.55 -24.41 25.61
CA LYS A 113 1.92 -24.55 27.02
C LYS A 113 2.54 -25.93 27.28
N ALA A 114 3.43 -26.00 28.28
CA ALA A 114 4.06 -27.25 28.64
C ALA A 114 4.56 -27.27 30.09
N HIS A 115 5.03 -28.44 30.52
CA HIS A 115 5.54 -28.63 31.87
C HIS A 115 6.90 -29.30 31.90
N ILE A 116 7.76 -28.83 32.80
CA ILE A 116 9.07 -29.45 32.96
C ILE A 116 9.17 -30.14 34.31
N TYR A 117 9.70 -31.36 34.30
CA TYR A 117 9.97 -32.07 35.52
C TYR A 117 11.45 -32.43 35.55
N TYR A 118 12.17 -31.89 36.53
CA TYR A 118 13.59 -32.17 36.72
C TYR A 118 13.96 -32.06 38.20
N LYS A 119 14.96 -32.83 38.62
CA LYS A 119 15.47 -32.75 39.98
C LYS A 119 16.80 -32.02 40.00
N ASN A 120 16.99 -31.18 41.02
CA ASN A 120 18.13 -30.27 41.07
C ASN A 120 19.27 -30.76 41.98
N VAL A 121 20.22 -31.48 41.40
CA VAL A 121 21.30 -32.10 42.15
C VAL A 121 22.48 -31.15 42.33
N ILE A 122 22.69 -30.70 43.57
CA ILE A 122 23.85 -29.89 43.94
C ILE A 122 24.70 -30.58 45.01
N VAL A 123 25.89 -31.05 44.62
CA VAL A 123 26.80 -31.66 45.59
C VAL A 123 27.96 -30.71 45.90
N THR A 124 27.87 -30.08 47.08
CA THR A 124 28.87 -29.13 47.53
C THR A 124 29.84 -29.78 48.51
N THR A 125 31.11 -29.38 48.47
CA THR A 125 32.11 -29.89 49.41
C THR A 125 32.79 -28.74 50.13
N VAL A 126 32.74 -28.77 51.46
CA VAL A 126 33.27 -27.69 52.29
C VAL A 126 34.52 -28.12 53.04
N TRP A 127 35.40 -27.17 53.35
CA TRP A 127 36.48 -27.43 54.28
C TRP A 127 36.31 -26.60 55.54
N SER A 128 36.09 -27.28 56.66
CA SER A 128 35.98 -26.63 57.96
C SER A 128 37.37 -26.48 58.56
N GLY A 129 37.54 -25.46 59.41
CA GLY A 129 38.83 -25.20 60.00
C GLY A 129 38.78 -24.49 61.34
N SER A 130 39.85 -23.77 61.65
CA SER A 130 39.97 -23.07 62.91
C SER A 130 38.86 -22.05 63.09
N THR A 131 38.89 -21.02 62.26
CA THR A 131 37.99 -19.88 62.42
C THR A 131 36.92 -19.81 61.34
N TYR A 132 37.05 -20.63 60.30
CA TYR A 132 36.20 -20.46 59.13
C TYR A 132 35.76 -21.78 58.49
N ALA A 133 34.88 -21.65 57.50
CA ALA A 133 34.56 -22.71 56.56
C ALA A 133 34.65 -22.13 55.16
N ALA A 134 35.06 -22.95 54.19
CA ALA A 134 35.25 -22.47 52.82
C ALA A 134 34.72 -23.45 51.79
N ILE A 135 33.96 -22.94 50.81
CA ILE A 135 33.44 -23.81 49.75
C ILE A 135 34.51 -24.12 48.72
N THR A 136 34.86 -25.40 48.64
CA THR A 136 35.88 -25.86 47.70
C THR A 136 35.23 -26.22 46.38
N ASN A 137 33.94 -26.56 46.44
CA ASN A 137 33.22 -26.98 45.25
C ASN A 137 31.71 -26.93 45.40
N ARG A 138 31.04 -26.83 44.25
CA ARG A 138 29.59 -26.79 44.16
C ARG A 138 29.17 -27.28 42.78
N PHE A 139 28.77 -28.55 42.70
CA PHE A 139 28.43 -29.14 41.41
C PHE A 139 26.93 -29.30 41.23
N THR A 140 26.34 -28.38 40.46
CA THR A 140 24.92 -28.46 40.12
C THR A 140 24.72 -29.28 38.86
N ASP A 141 23.59 -29.97 38.81
CA ASP A 141 23.19 -30.73 37.62
C ASP A 141 21.71 -31.07 37.69
N ARG A 142 21.00 -30.90 36.58
CA ARG A 142 19.57 -31.20 36.56
C ARG A 142 19.32 -32.65 36.13
N VAL A 143 18.25 -33.25 36.66
CA VAL A 143 18.02 -34.67 36.48
C VAL A 143 16.54 -34.99 36.23
N PRO A 144 16.27 -35.78 35.19
CA PRO A 144 14.93 -36.15 34.73
C PRO A 144 14.10 -36.97 35.71
N VAL A 145 12.89 -36.49 35.99
CA VAL A 145 11.91 -37.26 36.72
C VAL A 145 11.17 -38.23 35.79
N PRO A 146 11.15 -39.53 36.13
CA PRO A 146 10.51 -40.58 35.32
C PRO A 146 9.00 -40.39 35.15
N VAL A 147 8.45 -40.88 34.04
CA VAL A 147 7.05 -40.67 33.68
C VAL A 147 6.10 -41.24 34.73
N GLN A 148 6.48 -42.40 35.27
CA GLN A 148 5.70 -43.06 36.32
C GLN A 148 5.69 -42.23 37.60
N GLU A 149 6.86 -41.70 37.95
CA GLU A 149 6.98 -40.84 39.11
C GLU A 149 6.07 -39.62 38.96
N ILE A 150 5.91 -39.15 37.72
CA ILE A 150 5.00 -38.05 37.43
C ILE A 150 3.55 -38.47 37.66
N THR A 151 3.14 -39.54 36.98
CA THR A 151 1.74 -39.97 37.00
C THR A 151 1.31 -40.58 38.34
N ASP A 152 2.19 -41.34 38.97
CA ASP A 152 1.83 -42.09 40.17
C ASP A 152 2.10 -41.34 41.48
N VAL A 153 3.05 -40.42 41.47
CA VAL A 153 3.40 -39.66 42.67
C VAL A 153 3.00 -38.19 42.59
N ILE A 154 3.55 -37.49 41.59
CA ILE A 154 3.33 -36.06 41.44
C ILE A 154 1.87 -35.74 41.11
N ASP A 155 1.31 -36.44 40.13
CA ASP A 155 -0.10 -36.29 39.79
C ASP A 155 -1.00 -36.81 40.92
N ARG A 156 -0.95 -38.12 41.11
CA ARG A 156 -1.84 -38.85 42.02
C ARG A 156 -1.82 -38.34 43.45
N ARG A 157 -0.62 -38.08 43.97
CA ARG A 157 -0.45 -37.75 45.38
C ARG A 157 0.02 -36.32 45.64
N GLY A 158 0.77 -35.76 44.70
CA GLY A 158 1.25 -34.39 44.85
C GLY A 158 2.57 -34.34 45.58
N LYS A 159 3.29 -35.45 45.55
CA LYS A 159 4.56 -35.56 46.24
C LYS A 159 5.67 -35.94 45.28
N CYS A 160 6.89 -36.03 45.80
CA CYS A 160 8.04 -36.42 45.00
C CYS A 160 9.12 -37.09 45.85
N VAL A 161 9.61 -38.23 45.39
CA VAL A 161 10.70 -38.96 46.04
C VAL A 161 11.95 -38.10 46.18
N SER A 162 12.54 -38.05 47.36
CA SER A 162 13.69 -37.19 47.60
C SER A 162 15.01 -37.80 47.08
N LYS A 163 14.88 -38.66 46.07
CA LYS A 163 16.04 -39.34 45.50
C LYS A 163 15.89 -39.45 43.99
N ALA A 164 17.02 -39.36 43.29
CA ALA A 164 17.04 -39.34 41.83
C ALA A 164 17.96 -40.39 41.24
N GLU A 165 17.40 -41.48 40.76
CA GLU A 165 18.18 -42.54 40.12
C GLU A 165 18.26 -42.30 38.61
N TYR A 166 19.37 -41.75 38.16
CA TYR A 166 19.56 -41.36 36.76
C TYR A 166 20.81 -41.99 36.16
N VAL A 167 20.90 -41.98 34.83
CA VAL A 167 22.12 -42.45 34.17
C VAL A 167 22.96 -41.27 33.69
N ARG A 168 24.25 -41.29 34.06
CA ARG A 168 25.18 -40.24 33.66
C ARG A 168 26.51 -40.87 33.30
N ASN A 169 27.04 -40.52 32.14
CA ASN A 169 28.23 -41.16 31.57
C ASN A 169 28.01 -42.66 31.29
N ASN A 170 26.80 -42.99 30.84
CA ASN A 170 26.38 -44.37 30.60
C ASN A 170 26.52 -45.25 31.84
N HIS A 171 26.26 -44.66 33.00
CA HIS A 171 26.32 -45.38 34.26
C HIS A 171 25.15 -45.04 35.17
N LYS A 172 24.39 -46.05 35.57
CA LYS A 172 23.32 -45.85 36.54
C LYS A 172 23.88 -45.30 37.84
N VAL A 173 23.50 -44.07 38.18
CA VAL A 173 23.90 -43.49 39.45
C VAL A 173 22.68 -42.97 40.20
N THR A 174 22.88 -42.55 41.45
CA THR A 174 21.78 -42.07 42.26
C THR A 174 22.26 -40.90 43.09
N ALA A 175 21.35 -40.29 43.84
CA ALA A 175 21.70 -39.23 44.77
C ALA A 175 20.58 -39.03 45.78
N PHE A 176 20.94 -38.64 46.99
CA PHE A 176 19.97 -38.50 48.08
C PHE A 176 19.99 -37.09 48.67
N ASP A 177 18.81 -36.52 48.88
CA ASP A 177 18.72 -35.26 49.59
C ASP A 177 19.20 -35.46 51.03
N ARG A 178 20.09 -34.58 51.49
CA ARG A 178 20.65 -34.61 52.85
C ARG A 178 21.44 -35.89 53.12
N ASP A 179 21.68 -36.67 52.06
CA ASP A 179 22.31 -37.98 52.14
C ASP A 179 21.56 -38.93 53.07
N GLU A 180 20.24 -38.77 53.14
CA GLU A 180 19.42 -39.60 53.99
C GLU A 180 18.62 -40.59 53.15
N ASN A 181 17.59 -41.17 53.76
CA ASN A 181 16.80 -42.19 53.09
C ASN A 181 15.68 -41.61 52.25
N PRO A 182 15.36 -42.29 51.14
CA PRO A 182 14.27 -41.86 50.24
C PRO A 182 12.89 -41.80 50.91
N VAL A 183 12.40 -40.58 51.11
CA VAL A 183 11.04 -40.35 51.59
C VAL A 183 10.28 -39.42 50.62
N GLU A 184 8.97 -39.64 50.47
CA GLU A 184 8.15 -38.81 49.59
C GLU A 184 7.86 -37.45 50.22
N VAL A 185 8.15 -36.37 49.49
CA VAL A 185 8.03 -35.01 50.00
C VAL A 185 6.97 -34.22 49.24
N ASP A 186 6.27 -33.33 49.97
CA ASP A 186 5.21 -32.51 49.39
C ASP A 186 5.75 -31.48 48.40
N LEU A 187 5.02 -31.25 47.32
CA LEU A 187 5.38 -30.23 46.34
C LEU A 187 4.73 -28.90 46.70
N ARG A 188 5.56 -27.99 47.19
CA ARG A 188 5.13 -26.65 47.54
C ARG A 188 5.28 -25.69 46.37
N PRO A 189 4.42 -24.68 46.30
CA PRO A 189 4.60 -23.56 45.37
C PRO A 189 5.94 -22.85 45.56
N SER A 190 6.25 -21.96 44.63
CA SER A 190 7.44 -21.14 44.71
C SER A 190 7.11 -19.85 45.46
N ARG A 191 8.09 -18.97 45.56
CA ARG A 191 7.83 -17.56 45.80
C ARG A 191 7.13 -17.05 44.53
N LEU A 192 7.37 -15.81 44.15
CA LEU A 192 6.67 -15.34 42.97
C LEU A 192 7.25 -14.19 42.14
N ASN A 193 7.16 -14.40 40.83
CA ASN A 193 6.74 -13.39 39.85
C ASN A 193 7.75 -12.45 39.18
N ALA A 194 7.34 -11.19 39.02
CA ALA A 194 7.91 -10.26 38.04
C ALA A 194 7.78 -10.91 36.66
N LEU A 195 6.57 -10.84 36.10
CA LEU A 195 6.16 -11.57 34.88
C LEU A 195 6.75 -12.98 34.76
N GLY A 196 6.44 -13.82 35.75
CA GLY A 196 6.92 -15.19 35.80
C GLY A 196 5.82 -16.18 36.08
N THR A 197 5.89 -17.33 35.41
CA THR A 197 4.85 -18.35 35.52
C THR A 197 4.94 -19.17 36.80
N ARG A 198 4.09 -20.19 36.88
CA ARG A 198 3.97 -21.07 38.04
C ARG A 198 5.16 -22.02 38.16
N GLY A 199 5.40 -22.51 39.38
CA GLY A 199 6.47 -23.46 39.63
C GLY A 199 6.27 -24.17 40.96
N TRP A 200 6.94 -25.30 41.15
CA TRP A 200 6.90 -26.05 42.41
C TRP A 200 8.25 -26.64 42.75
N HIS A 201 8.55 -26.72 44.04
CA HIS A 201 9.75 -27.43 44.51
C HIS A 201 9.50 -28.15 45.83
N THR A 202 10.49 -28.91 46.29
CA THR A 202 10.36 -29.68 47.52
C THR A 202 11.16 -29.08 48.67
N THR A 203 12.26 -28.40 48.35
CA THR A 203 13.14 -27.87 49.38
C THR A 203 13.42 -26.38 49.21
N ASN A 204 13.70 -25.71 50.33
CA ASN A 204 14.03 -24.29 50.33
C ASN A 204 15.54 -24.05 50.47
N ASP A 205 16.29 -25.08 50.87
CA ASP A 205 17.75 -24.95 51.03
C ASP A 205 18.52 -26.11 50.38
N THR A 206 19.85 -26.00 50.41
CA THR A 206 20.73 -27.02 49.84
C THR A 206 21.71 -27.55 50.89
N TYR A 207 21.68 -28.85 51.14
CA TYR A 207 22.49 -29.46 52.20
C TYR A 207 23.98 -29.32 51.96
N THR A 208 24.69 -28.95 53.02
CA THR A 208 26.14 -28.81 52.98
C THR A 208 26.78 -29.57 54.14
N LYS A 209 28.02 -29.23 54.40
CA LYS A 209 28.79 -29.94 55.42
C LYS A 209 28.55 -29.39 56.83
N ILE A 210 28.33 -30.30 57.78
CA ILE A 210 28.43 -29.96 59.18
C ILE A 210 29.91 -29.98 59.55
N GLY A 211 30.41 -28.87 60.08
CA GLY A 211 31.83 -28.65 60.28
C GLY A 211 32.66 -29.66 61.08
N ALA A 212 32.95 -29.32 62.33
CA ALA A 212 33.96 -30.02 63.13
C ALA A 212 35.30 -30.03 62.39
N ALA A 213 36.11 -29.00 62.68
CA ALA A 213 37.38 -28.73 62.00
C ALA A 213 38.20 -29.97 61.71
N GLY A 214 38.69 -30.10 60.48
CA GLY A 214 39.49 -31.25 60.12
C GLY A 214 39.63 -31.51 58.63
N PHE A 215 38.54 -31.97 57.99
CA PHE A 215 38.63 -32.46 56.62
C PHE A 215 37.67 -31.79 55.63
N TYR A 216 37.38 -32.51 54.54
CA TYR A 216 36.45 -32.05 53.50
C TYR A 216 35.19 -32.93 53.45
N HIS A 217 34.09 -32.47 54.03
CA HIS A 217 32.84 -33.22 53.87
C HIS A 217 32.15 -32.78 52.59
N THR A 218 31.45 -33.72 51.95
CA THR A 218 30.75 -33.42 50.71
C THR A 218 29.24 -33.55 50.90
N GLY A 219 28.53 -32.43 50.88
CA GLY A 219 27.08 -32.43 51.00
C GLY A 219 26.38 -32.75 49.69
N THR A 220 25.16 -33.28 49.77
CA THR A 220 24.36 -33.60 48.60
C THR A 220 22.89 -33.24 48.80
N SER A 221 22.44 -32.20 48.13
CA SER A 221 21.02 -31.82 48.16
C SER A 221 20.34 -32.24 46.86
N VAL A 222 19.01 -32.40 46.91
CA VAL A 222 18.21 -32.73 45.74
C VAL A 222 16.88 -32.00 45.79
N ASN A 223 16.66 -31.10 44.82
CA ASN A 223 15.40 -30.36 44.71
C ASN A 223 14.53 -30.84 43.57
N CYS A 224 13.33 -31.32 43.92
CA CYS A 224 12.36 -31.80 42.94
C CYS A 224 11.56 -30.61 42.42
N ILE A 225 11.65 -30.33 41.12
CA ILE A 225 11.01 -29.12 40.57
C ILE A 225 10.05 -29.40 39.41
N VAL A 226 8.81 -28.91 39.54
CA VAL A 226 7.86 -28.92 38.44
C VAL A 226 7.58 -27.49 37.98
N GLU A 227 7.74 -27.23 36.69
CA GLU A 227 7.54 -25.87 36.19
C GLU A 227 6.59 -25.77 35.00
N GLU A 228 5.75 -24.74 35.04
CA GLU A 228 4.93 -24.37 33.91
C GLU A 228 5.82 -23.60 32.94
N VAL A 229 5.95 -24.08 31.71
CA VAL A 229 6.80 -23.39 30.75
C VAL A 229 6.08 -23.10 29.43
N GLU A 230 6.44 -21.98 28.81
CA GLU A 230 5.86 -21.59 27.54
C GLU A 230 6.72 -22.09 26.40
N ALA A 231 6.11 -22.79 25.45
CA ALA A 231 6.88 -23.42 24.38
C ALA A 231 6.75 -22.67 23.05
N ARG A 232 7.75 -22.84 22.20
CA ARG A 232 7.88 -22.09 20.97
C ARG A 232 8.53 -22.94 19.86
N SER A 233 7.77 -23.17 18.79
CA SER A 233 8.31 -23.83 17.60
C SER A 233 8.17 -22.93 16.35
N VAL A 234 9.24 -22.83 15.57
CA VAL A 234 9.19 -22.09 14.31
C VAL A 234 9.23 -23.07 13.15
N TYR A 235 8.86 -22.61 11.96
CA TYR A 235 8.89 -23.42 10.75
C TYR A 235 10.27 -24.08 10.60
N PRO A 236 10.31 -25.36 10.22
CA PRO A 236 9.14 -26.20 9.90
C PRO A 236 8.64 -27.00 11.09
N TYR A 237 8.89 -26.52 12.30
CA TYR A 237 8.45 -27.17 13.53
C TYR A 237 8.91 -28.64 13.64
N ASP A 238 10.20 -28.87 13.45
CA ASP A 238 10.75 -30.20 13.70
C ASP A 238 11.63 -30.15 14.95
N SER A 239 11.33 -29.19 15.81
CA SER A 239 11.99 -28.97 17.10
C SER A 239 11.32 -27.79 17.78
N PHE A 240 11.29 -27.77 19.11
CA PHE A 240 10.76 -26.60 19.81
C PHE A 240 11.66 -26.21 20.98
N ALA A 241 11.28 -25.15 21.70
CA ALA A 241 12.10 -24.61 22.78
C ALA A 241 11.24 -24.03 23.89
N LEU A 242 11.81 -23.96 25.09
CA LEU A 242 11.06 -23.69 26.31
C LEU A 242 11.47 -22.36 26.93
N SER A 243 10.57 -21.78 27.73
CA SER A 243 10.82 -20.47 28.34
C SER A 243 12.10 -20.41 29.15
N THR A 244 12.68 -21.57 29.37
CA THR A 244 13.83 -21.78 30.25
C THR A 244 15.13 -21.89 29.48
N GLY A 245 15.04 -21.83 28.15
CA GLY A 245 16.19 -21.78 27.28
C GLY A 245 16.53 -23.09 26.62
N ASP A 246 15.71 -24.12 26.88
CA ASP A 246 16.05 -25.49 26.50
C ASP A 246 15.37 -25.96 25.20
N ILE A 247 16.19 -26.45 24.28
CA ILE A 247 15.74 -26.84 22.95
C ILE A 247 15.48 -28.33 22.87
N VAL A 248 14.26 -28.70 22.50
CA VAL A 248 13.88 -30.10 22.35
C VAL A 248 13.89 -30.53 20.88
N TYR A 249 14.72 -31.50 20.53
CA TYR A 249 14.94 -31.81 19.12
C TYR A 249 13.91 -32.78 18.57
N MET A 250 12.67 -32.30 18.51
CA MET A 250 11.56 -33.10 18.04
C MET A 250 10.33 -32.21 17.76
N SER A 251 9.52 -32.64 16.81
CA SER A 251 8.26 -32.00 16.49
C SER A 251 7.22 -32.12 17.61
N PRO A 252 6.57 -31.00 17.96
CA PRO A 252 5.52 -30.99 18.99
C PRO A 252 4.25 -31.69 18.50
N PHE A 253 4.25 -32.14 17.26
CA PHE A 253 3.08 -32.80 16.71
C PHE A 253 3.35 -34.28 16.53
N TYR A 254 4.55 -34.71 16.87
CA TYR A 254 4.88 -36.13 16.81
C TYR A 254 3.95 -36.89 17.73
N GLY A 255 3.45 -38.01 17.26
CA GLY A 255 2.62 -38.90 18.03
C GLY A 255 2.79 -40.30 17.49
N LEU A 256 1.86 -41.18 17.84
CA LEU A 256 1.89 -42.55 17.38
C LEU A 256 0.60 -42.83 16.65
N ARG A 257 -0.18 -41.77 16.48
CA ARG A 257 -1.50 -41.87 15.86
C ARG A 257 -1.39 -42.18 14.36
N GLU A 258 -2.46 -41.88 13.64
CA GLU A 258 -2.56 -42.15 12.20
C GLU A 258 -1.28 -41.77 11.47
N GLY A 259 -1.15 -40.48 11.14
CA GLY A 259 -0.02 -40.02 10.35
C GLY A 259 0.90 -39.05 11.07
N ALA A 260 0.99 -39.16 12.39
CA ALA A 260 1.89 -38.32 13.17
C ALA A 260 3.29 -38.93 13.15
N HIS A 261 3.37 -40.20 13.56
CA HIS A 261 4.61 -40.96 13.54
C HIS A 261 5.63 -40.46 12.50
N GLY A 262 5.15 -39.71 11.51
CA GLY A 262 5.98 -39.26 10.39
C GLY A 262 6.65 -37.91 10.60
N GLU A 263 6.56 -37.40 11.83
CA GLU A 263 7.22 -36.18 12.22
C GLU A 263 8.67 -36.48 12.62
N HIS A 264 9.39 -35.47 13.10
CA HIS A 264 10.81 -35.61 13.39
C HIS A 264 11.07 -35.88 14.87
N ILE A 265 11.86 -36.92 15.14
CA ILE A 265 12.39 -37.17 16.47
C ILE A 265 13.90 -37.26 16.42
N GLY A 266 14.58 -36.62 17.36
CA GLY A 266 16.03 -36.71 17.45
C GLY A 266 16.49 -37.58 18.61
N TYR A 267 15.62 -38.48 19.06
CA TYR A 267 15.87 -39.26 20.26
C TYR A 267 15.62 -40.75 20.08
N ALA A 268 16.01 -41.54 21.07
CA ALA A 268 15.65 -42.95 21.14
C ALA A 268 14.21 -43.08 21.63
N PRO A 269 13.41 -43.94 20.97
CA PRO A 269 11.96 -44.03 21.20
C PRO A 269 11.59 -44.38 22.65
N GLY A 270 12.56 -44.83 23.42
CA GLY A 270 12.34 -45.14 24.83
C GLY A 270 12.11 -43.88 25.62
N ARG A 271 12.75 -42.81 25.20
CA ARG A 271 12.61 -41.52 25.87
C ARG A 271 11.22 -40.95 25.59
N PHE A 272 10.69 -41.24 24.41
CA PHE A 272 9.35 -40.74 24.07
C PHE A 272 8.28 -41.75 24.48
N GLN A 273 7.16 -41.22 24.96
CA GLN A 273 6.06 -42.03 25.44
C GLN A 273 4.77 -41.23 25.49
N GLN A 274 3.70 -41.81 24.97
CA GLN A 274 2.42 -41.11 24.91
C GLN A 274 1.44 -41.73 25.90
N VAL A 275 0.62 -40.88 26.51
CA VAL A 275 -0.39 -41.32 27.47
C VAL A 275 -1.76 -40.75 27.14
N GLU A 276 -2.62 -41.61 26.62
CA GLU A 276 -3.95 -41.20 26.21
C GLU A 276 -4.91 -41.10 27.39
N HIS A 277 -5.97 -40.33 27.22
CA HIS A 277 -6.97 -40.11 28.26
C HIS A 277 -6.36 -39.62 29.57
N TYR A 278 -5.23 -38.90 29.44
CA TYR A 278 -4.60 -38.20 30.55
C TYR A 278 -5.53 -37.08 31.01
N TYR A 279 -5.58 -36.83 32.31
CA TYR A 279 -6.33 -35.70 32.83
C TYR A 279 -5.39 -34.79 33.63
N PRO A 280 -5.12 -33.57 33.13
CA PRO A 280 -4.07 -32.69 33.64
C PRO A 280 -4.30 -32.13 35.05
N ILE A 281 -3.87 -32.87 36.08
CA ILE A 281 -4.08 -32.42 37.45
C ILE A 281 -3.38 -31.08 37.69
N ASP A 282 -4.09 -30.17 38.34
CA ASP A 282 -3.51 -28.89 38.71
C ASP A 282 -3.06 -28.95 40.15
N LEU A 283 -1.82 -28.54 40.32
CA LEU A 283 -0.92 -28.96 41.36
C LEU A 283 -0.88 -28.01 42.52
N ASP A 284 -1.92 -27.23 42.67
CA ASP A 284 -1.99 -26.35 43.81
C ASP A 284 -3.15 -26.81 44.59
N SER A 285 -4.21 -26.11 44.31
CA SER A 285 -5.59 -26.50 44.60
C SER A 285 -6.08 -27.52 43.57
N ARG A 286 -6.07 -28.79 43.95
CA ARG A 286 -6.24 -29.89 43.01
C ARG A 286 -7.54 -29.90 42.21
N LEU A 287 -7.52 -30.74 41.16
CA LEU A 287 -8.56 -30.87 40.15
C LEU A 287 -7.94 -31.73 39.05
N ARG A 288 -8.76 -32.36 38.20
CA ARG A 288 -8.16 -33.18 37.12
C ARG A 288 -8.16 -32.51 35.73
N ALA A 289 -9.23 -31.86 35.27
CA ALA A 289 -10.60 -32.07 35.74
C ALA A 289 -11.39 -32.61 34.56
N SER A 290 -12.28 -31.81 33.98
CA SER A 290 -13.07 -32.28 32.85
C SER A 290 -12.27 -32.32 31.56
N GLU A 291 -12.62 -33.28 30.70
CA GLU A 291 -12.11 -33.39 29.33
C GLU A 291 -10.63 -33.78 29.23
N SER A 292 -10.42 -34.93 28.61
CA SER A 292 -9.13 -35.59 28.61
C SER A 292 -8.20 -35.17 27.48
N VAL A 293 -6.92 -35.51 27.62
CA VAL A 293 -5.90 -35.10 26.67
C VAL A 293 -4.95 -36.25 26.33
N THR A 294 -4.46 -36.30 25.10
CA THR A 294 -3.34 -37.19 24.78
C THR A 294 -2.03 -36.48 25.10
N ARG A 295 -1.33 -36.98 26.11
CA ARG A 295 -0.18 -36.29 26.67
C ARG A 295 1.15 -36.85 26.18
N ASN A 296 2.06 -35.98 25.77
CA ASN A 296 3.38 -36.39 25.32
C ASN A 296 4.41 -36.28 26.42
N PHE A 297 5.24 -37.30 26.55
CA PHE A 297 6.31 -37.29 27.53
C PHE A 297 7.65 -37.50 26.85
N LEU A 298 8.55 -36.55 27.02
CA LEU A 298 9.92 -36.74 26.58
C LEU A 298 10.88 -36.72 27.75
N ARG A 299 11.71 -37.76 27.82
CA ARG A 299 12.68 -37.91 28.89
C ARG A 299 14.09 -37.54 28.41
N THR A 300 14.53 -36.32 28.72
CA THR A 300 15.85 -35.85 28.30
C THR A 300 16.88 -36.17 29.38
N PRO A 301 18.18 -36.04 29.07
CA PRO A 301 19.20 -36.23 30.10
C PRO A 301 19.09 -35.29 31.30
N HIS A 302 18.49 -34.11 31.14
CA HIS A 302 18.47 -33.13 32.23
C HIS A 302 17.07 -32.78 32.73
N PHE A 303 16.03 -33.30 32.08
CA PHE A 303 14.66 -33.09 32.54
C PHE A 303 13.65 -33.92 31.74
N THR A 304 12.39 -33.79 32.13
CA THR A 304 11.28 -34.38 31.40
C THR A 304 10.30 -33.29 31.00
N VAL A 305 9.80 -33.37 29.77
CA VAL A 305 8.79 -32.41 29.30
C VAL A 305 7.51 -33.10 28.93
N ALA A 306 6.40 -32.46 29.30
CA ALA A 306 5.09 -33.00 29.01
C ALA A 306 4.21 -31.93 28.38
N TRP A 307 3.69 -32.24 27.19
CA TRP A 307 2.80 -31.31 26.53
C TRP A 307 1.65 -32.03 25.84
N ASP A 308 0.67 -31.24 25.41
CA ASP A 308 -0.53 -31.78 24.80
C ASP A 308 -0.35 -31.92 23.30
N TRP A 309 -0.38 -33.17 22.83
CA TRP A 309 -0.31 -33.47 21.41
C TRP A 309 -1.64 -33.20 20.73
N ALA A 310 -1.56 -32.61 19.54
CA ALA A 310 -2.73 -32.33 18.72
C ALA A 310 -2.29 -32.34 17.25
N PRO A 311 -3.22 -32.62 16.32
CA PRO A 311 -2.89 -32.72 14.89
C PRO A 311 -2.29 -31.44 14.30
N LYS A 312 -1.16 -31.60 13.61
CA LYS A 312 -0.39 -30.49 13.06
C LYS A 312 -1.23 -29.60 12.15
N THR A 313 -2.01 -30.24 11.29
CA THR A 313 -2.80 -29.55 10.29
C THR A 313 -3.84 -28.63 10.93
N ARG A 314 -4.12 -28.82 12.21
CA ARG A 314 -5.18 -28.07 12.86
C ARG A 314 -4.69 -26.93 13.76
N ARG A 315 -3.40 -26.98 14.12
CA ARG A 315 -2.83 -25.97 15.02
C ARG A 315 -2.06 -24.85 14.28
N VAL A 316 -1.41 -25.19 13.17
CA VAL A 316 -0.61 -24.20 12.47
C VAL A 316 -1.05 -23.96 11.04
N CYS A 317 -0.89 -22.72 10.60
CA CYS A 317 -1.11 -22.36 9.22
C CYS A 317 0.08 -21.55 8.73
N SER A 318 0.34 -21.61 7.42
CA SER A 318 1.47 -20.88 6.83
C SER A 318 1.07 -19.45 6.52
N LEU A 319 -0.24 -19.22 6.49
CA LEU A 319 -0.78 -17.90 6.23
C LEU A 319 -1.43 -17.36 7.48
N ALA A 320 -1.79 -16.08 7.46
CA ALA A 320 -2.40 -15.48 8.62
C ALA A 320 -3.24 -14.29 8.22
N LYS A 321 -4.47 -14.26 8.71
CA LYS A 321 -5.39 -13.17 8.45
C LYS A 321 -4.76 -11.85 8.87
N TRP A 322 -4.84 -10.86 7.97
CA TRP A 322 -4.21 -9.57 8.20
C TRP A 322 -5.27 -8.49 8.32
N ARG A 323 -5.94 -8.21 7.20
CA ARG A 323 -7.03 -7.24 7.15
C ARG A 323 -8.32 -7.82 6.58
N GLU A 324 -9.44 -7.23 6.96
CA GLU A 324 -10.73 -7.46 6.32
C GLU A 324 -11.08 -6.23 5.48
N ALA A 325 -11.88 -6.40 4.44
CA ALA A 325 -12.33 -5.28 3.61
C ALA A 325 -13.82 -5.38 3.26
N GLU A 326 -14.63 -4.55 3.90
CA GLU A 326 -16.07 -4.61 3.68
C GLU A 326 -16.48 -4.02 2.31
N GLU A 327 -15.76 -2.99 1.88
CA GLU A 327 -16.04 -2.32 0.62
C GLU A 327 -15.04 -2.66 -0.47
N MET A 328 -14.73 -3.94 -0.62
CA MET A 328 -13.71 -4.34 -1.59
C MET A 328 -14.27 -4.35 -3.01
N ILE A 329 -13.47 -3.85 -3.96
CA ILE A 329 -13.86 -3.80 -5.37
C ILE A 329 -12.83 -4.51 -6.25
N ARG A 330 -13.31 -5.41 -7.12
CA ARG A 330 -12.48 -6.10 -8.10
C ARG A 330 -12.79 -5.57 -9.50
N ASP A 331 -11.75 -5.39 -10.31
CA ASP A 331 -11.92 -4.80 -11.63
C ASP A 331 -10.95 -5.39 -12.64
N GLU A 332 -11.49 -6.06 -13.66
CA GLU A 332 -10.62 -6.65 -14.68
C GLU A 332 -10.37 -5.71 -15.84
N THR A 333 -9.11 -5.58 -16.21
CA THR A 333 -8.70 -4.87 -17.42
C THR A 333 -7.41 -5.47 -17.97
N ARG A 334 -7.35 -5.60 -19.30
CA ARG A 334 -6.16 -6.05 -20.04
C ARG A 334 -5.78 -7.49 -19.70
N ASP A 335 -4.80 -8.03 -20.45
CA ASP A 335 -4.29 -9.39 -20.34
C ASP A 335 -4.46 -10.04 -18.96
N GLY A 336 -5.70 -10.40 -18.64
CA GLY A 336 -6.02 -11.14 -17.43
C GLY A 336 -5.40 -10.60 -16.16
N SER A 337 -6.04 -9.62 -15.55
CA SER A 337 -5.51 -9.02 -14.33
C SER A 337 -6.62 -8.39 -13.50
N PHE A 338 -6.88 -8.99 -12.33
CA PHE A 338 -7.80 -8.42 -11.37
C PHE A 338 -7.10 -7.32 -10.59
N ARG A 339 -7.88 -6.42 -10.00
CA ARG A 339 -7.34 -5.32 -9.21
C ARG A 339 -8.22 -5.08 -8.01
N PHE A 340 -7.84 -5.66 -6.89
CA PHE A 340 -8.63 -5.53 -5.68
C PHE A 340 -8.25 -4.22 -4.98
N THR A 341 -9.22 -3.34 -4.79
CA THR A 341 -8.97 -2.04 -4.20
C THR A 341 -9.92 -1.77 -3.04
N SER A 342 -9.39 -1.27 -1.93
CA SER A 342 -10.22 -0.89 -0.79
C SER A 342 -10.03 0.59 -0.45
N ARG A 343 -11.14 1.32 -0.37
CA ARG A 343 -11.08 2.76 -0.07
C ARG A 343 -10.71 3.00 1.38
N ALA A 344 -11.17 2.09 2.23
CA ALA A 344 -10.87 2.09 3.65
C ALA A 344 -9.39 1.87 3.88
N LEU A 345 -8.89 0.78 3.32
CA LEU A 345 -7.47 0.46 3.43
C LEU A 345 -6.63 1.54 2.77
N GLY A 346 -6.89 1.75 1.49
CA GLY A 346 -6.09 2.67 0.70
C GLY A 346 -5.05 1.87 -0.04
N ALA A 347 -5.47 0.73 -0.59
CA ALA A 347 -4.53 -0.19 -1.21
C ALA A 347 -5.13 -0.90 -2.42
N SER A 348 -4.29 -1.15 -3.43
CA SER A 348 -4.71 -1.90 -4.61
C SER A 348 -3.90 -3.16 -4.80
N PHE A 349 -4.55 -4.25 -5.16
CA PHE A 349 -3.87 -5.54 -5.24
C PHE A 349 -4.07 -6.25 -6.57
N VAL A 350 -3.03 -6.24 -7.39
CA VAL A 350 -3.08 -6.85 -8.70
C VAL A 350 -2.82 -8.34 -8.64
N SER A 351 -3.74 -9.13 -9.16
CA SER A 351 -3.54 -10.57 -9.24
C SER A 351 -3.80 -11.09 -10.63
N ASP A 352 -3.79 -12.40 -10.79
CA ASP A 352 -4.21 -13.01 -12.03
C ASP A 352 -5.70 -13.30 -11.97
N VAL A 353 -6.26 -13.83 -13.05
CA VAL A 353 -7.68 -14.13 -13.11
C VAL A 353 -7.91 -15.57 -12.68
N THR A 354 -6.87 -16.39 -12.78
CA THR A 354 -6.92 -17.76 -12.29
C THR A 354 -6.85 -17.80 -10.78
N GLN A 355 -7.72 -18.60 -10.16
CA GLN A 355 -7.71 -18.75 -8.71
C GLN A 355 -6.48 -19.47 -8.21
N LEU A 356 -6.18 -19.25 -6.94
CA LEU A 356 -5.10 -19.95 -6.27
C LEU A 356 -5.57 -21.35 -5.89
N ASP A 357 -4.91 -22.36 -6.45
CA ASP A 357 -5.16 -23.72 -6.00
C ASP A 357 -4.58 -23.85 -4.60
N LEU A 358 -5.44 -23.65 -3.60
CA LEU A 358 -5.03 -23.59 -2.20
C LEU A 358 -4.33 -24.87 -1.75
N GLN A 359 -4.55 -25.94 -2.51
CA GLN A 359 -3.96 -27.24 -2.22
C GLN A 359 -2.45 -27.23 -2.44
N ARG A 360 -1.97 -26.35 -3.29
CA ARG A 360 -0.54 -26.27 -3.60
C ARG A 360 0.21 -25.54 -2.49
N VAL A 361 -0.51 -25.19 -1.43
CA VAL A 361 0.08 -24.51 -0.29
C VAL A 361 0.21 -25.46 0.90
N HIS A 362 1.41 -25.56 1.46
CA HIS A 362 1.62 -26.38 2.64
C HIS A 362 1.02 -25.70 3.86
N LEU A 363 -0.01 -26.33 4.42
CA LEU A 363 -0.76 -25.79 5.56
C LEU A 363 -1.42 -24.45 5.25
N GLY A 364 -2.48 -24.48 4.44
CA GLY A 364 -3.23 -23.28 4.15
C GLY A 364 -4.71 -23.47 4.38
N ASP A 365 -5.05 -24.19 5.43
CA ASP A 365 -6.45 -24.55 5.69
C ASP A 365 -7.18 -23.47 6.46
N CYS A 366 -6.42 -22.71 7.25
CA CYS A 366 -6.98 -21.63 8.06
C CYS A 366 -7.62 -20.54 7.20
N VAL A 367 -7.21 -20.48 5.93
CA VAL A 367 -7.72 -19.49 5.00
C VAL A 367 -9.23 -19.56 4.87
N LEU A 368 -9.74 -20.61 4.22
CA LEU A 368 -11.16 -20.76 3.96
C LEU A 368 -11.98 -20.75 5.24
N ARG A 369 -11.45 -21.41 6.28
CA ARG A 369 -12.00 -21.31 7.63
C ARG A 369 -12.26 -19.87 8.01
N GLU A 370 -11.18 -19.20 8.41
CA GLU A 370 -11.26 -17.86 8.95
C GLU A 370 -11.80 -16.85 7.94
N ALA A 371 -11.73 -17.16 6.65
CA ALA A 371 -12.27 -16.25 5.62
C ALA A 371 -13.78 -16.34 5.57
N SER A 372 -14.31 -17.55 5.42
CA SER A 372 -15.75 -17.76 5.44
C SER A 372 -16.35 -17.18 6.73
N GLU A 373 -15.61 -17.29 7.83
CA GLU A 373 -16.06 -16.78 9.13
C GLU A 373 -16.31 -15.27 9.09
N ALA A 374 -15.25 -14.50 8.84
CA ALA A 374 -15.31 -13.03 8.87
C ALA A 374 -16.27 -12.49 7.83
N ILE A 375 -16.11 -12.94 6.60
CA ILE A 375 -16.97 -12.55 5.48
C ILE A 375 -18.43 -12.65 5.85
N ASP A 376 -18.85 -13.82 6.32
CA ASP A 376 -20.24 -14.04 6.73
C ASP A 376 -20.62 -13.08 7.87
N ALA A 377 -19.73 -12.92 8.84
CA ALA A 377 -19.98 -12.04 9.98
C ALA A 377 -20.36 -10.64 9.52
N ILE A 378 -19.69 -10.18 8.46
CA ILE A 378 -19.92 -8.85 7.90
C ILE A 378 -21.23 -8.80 7.10
N TYR A 379 -21.47 -9.82 6.30
CA TYR A 379 -22.71 -9.93 5.53
C TYR A 379 -23.96 -9.79 6.41
N ARG A 380 -23.95 -10.50 7.53
CA ARG A 380 -24.97 -10.37 8.57
C ARG A 380 -25.05 -8.92 9.05
N ARG A 381 -23.88 -8.27 9.13
CA ARG A 381 -23.70 -7.00 9.83
C ARG A 381 -23.98 -5.78 8.96
N ARG A 382 -24.02 -5.97 7.64
CA ARG A 382 -24.11 -4.82 6.74
C ARG A 382 -25.00 -5.01 5.51
N TYR A 383 -25.11 -6.24 5.00
CA TYR A 383 -25.69 -6.42 3.69
C TYR A 383 -26.95 -7.27 3.57
N ASN A 384 -27.25 -8.10 4.56
CA ASN A 384 -28.22 -9.19 4.37
C ASN A 384 -29.65 -8.79 3.97
N ASN A 385 -29.92 -7.49 3.86
CA ASN A 385 -31.24 -7.05 3.41
C ASN A 385 -31.17 -6.35 2.05
N THR A 386 -29.97 -6.29 1.50
CA THR A 386 -29.72 -5.55 0.25
C THR A 386 -29.02 -6.41 -0.80
N HIS A 387 -28.02 -7.19 -0.37
CA HIS A 387 -27.27 -8.02 -1.30
C HIS A 387 -27.29 -9.49 -0.91
N VAL A 388 -26.68 -10.34 -1.73
CA VAL A 388 -26.63 -11.78 -1.48
C VAL A 388 -25.25 -12.33 -1.86
N LEU A 389 -24.78 -13.35 -1.13
CA LEU A 389 -23.50 -13.98 -1.44
C LEU A 389 -23.52 -14.61 -2.83
N ALA A 390 -22.34 -14.73 -3.44
CA ALA A 390 -22.24 -15.30 -4.78
C ALA A 390 -21.47 -16.62 -4.75
N GLY A 391 -21.95 -17.59 -5.52
CA GLY A 391 -21.40 -18.93 -5.47
C GLY A 391 -21.64 -19.51 -4.09
N ASP A 392 -20.91 -20.56 -3.75
CA ASP A 392 -20.96 -21.08 -2.40
C ASP A 392 -19.74 -20.62 -1.65
N LYS A 393 -18.61 -21.21 -1.99
CA LYS A 393 -17.34 -20.85 -1.40
C LYS A 393 -16.87 -19.49 -1.91
N PRO A 394 -15.98 -18.83 -1.16
CA PRO A 394 -15.30 -17.62 -1.64
C PRO A 394 -14.17 -17.94 -2.62
N GLU A 395 -13.89 -17.01 -3.51
CA GLU A 395 -12.84 -17.14 -4.50
C GLU A 395 -11.50 -16.74 -3.89
N VAL A 396 -10.40 -17.34 -4.36
CA VAL A 396 -9.08 -17.09 -3.77
C VAL A 396 -8.01 -16.77 -4.80
N TYR A 397 -7.36 -15.62 -4.64
CA TYR A 397 -6.36 -15.21 -5.60
C TYR A 397 -5.02 -14.81 -4.93
N LEU A 398 -3.93 -15.10 -5.62
CA LEU A 398 -2.60 -14.66 -5.19
C LEU A 398 -2.31 -13.28 -5.78
N ALA A 399 -2.41 -12.26 -4.95
CA ALA A 399 -2.13 -10.89 -5.36
C ALA A 399 -0.63 -10.64 -5.34
N ARG A 400 -0.21 -9.56 -5.98
CA ARG A 400 1.21 -9.20 -6.03
C ARG A 400 1.74 -8.87 -4.63
N GLY A 401 2.95 -9.32 -4.33
CA GLY A 401 3.60 -8.98 -3.08
C GLY A 401 3.37 -10.00 -1.98
N GLY A 402 2.85 -11.16 -2.37
CA GLY A 402 2.64 -12.24 -1.44
C GLY A 402 1.42 -12.11 -0.55
N PHE A 403 0.37 -11.45 -1.06
CA PHE A 403 -0.89 -11.39 -0.33
C PHE A 403 -1.92 -12.32 -0.92
N VAL A 404 -2.75 -12.90 -0.06
CA VAL A 404 -3.78 -13.82 -0.47
C VAL A 404 -5.13 -13.15 -0.31
N VAL A 405 -5.93 -13.16 -1.37
CA VAL A 405 -7.24 -12.50 -1.33
C VAL A 405 -8.37 -13.49 -1.48
N ALA A 406 -9.13 -13.65 -0.41
CA ALA A 406 -10.37 -14.41 -0.48
C ALA A 406 -11.50 -13.42 -0.69
N PHE A 407 -12.21 -13.56 -1.80
CA PHE A 407 -13.20 -12.59 -2.23
C PHE A 407 -14.51 -13.28 -2.58
N ARG A 408 -15.59 -12.91 -1.89
CA ARG A 408 -16.92 -13.40 -2.26
C ARG A 408 -17.76 -12.24 -2.79
N PRO A 409 -18.14 -12.30 -4.08
CA PRO A 409 -18.89 -11.22 -4.72
C PRO A 409 -20.24 -10.93 -4.06
N LEU A 410 -20.73 -9.72 -4.24
CA LEU A 410 -22.03 -9.31 -3.69
C LEU A 410 -23.06 -9.03 -4.78
N ILE A 411 -24.23 -9.65 -4.65
CA ILE A 411 -25.30 -9.50 -5.62
C ILE A 411 -26.55 -8.88 -5.00
N SER A 412 -26.90 -7.68 -5.45
CA SER A 412 -28.13 -7.04 -5.01
C SER A 412 -29.32 -7.93 -5.36
N ASN A 413 -30.32 -7.94 -4.47
CA ASN A 413 -31.50 -8.79 -4.62
C ASN A 413 -32.11 -8.69 -6.01
N GLU A 414 -31.98 -7.51 -6.59
CA GLU A 414 -32.40 -7.24 -7.96
C GLU A 414 -31.72 -8.20 -8.96
N GLY A 462 3.82 -27.65 -4.75
CA GLY A 462 4.38 -26.47 -5.38
C GLY A 462 5.19 -25.63 -4.43
N HIS A 463 5.02 -24.31 -4.51
CA HIS A 463 5.84 -23.37 -3.73
C HIS A 463 5.03 -22.53 -2.74
N LEU A 464 5.74 -21.96 -1.76
CA LEU A 464 5.11 -21.17 -0.72
C LEU A 464 5.44 -19.69 -0.86
N ARG A 465 4.64 -18.88 -0.16
CA ARG A 465 4.62 -17.45 -0.38
C ARG A 465 5.36 -16.65 0.69
N ILE A 466 6.22 -15.75 0.24
CA ILE A 466 6.88 -14.80 1.13
C ILE A 466 6.25 -13.42 1.00
N THR A 467 5.53 -13.00 2.03
CA THR A 467 4.91 -11.69 2.05
C THR A 467 5.94 -10.63 2.38
N THR A 468 6.13 -9.68 1.46
CA THR A 468 6.92 -8.49 1.71
C THR A 468 6.43 -7.78 2.97
N GLY A 469 7.34 -7.47 3.89
CA GLY A 469 6.99 -6.81 5.14
C GLY A 469 6.44 -5.40 4.95
N SER A 470 6.14 -5.07 3.69
CA SER A 470 5.57 -3.78 3.30
C SER A 470 4.45 -4.01 2.31
N ALA A 471 3.45 -3.14 2.32
CA ALA A 471 2.47 -3.10 1.25
C ALA A 471 2.48 -1.73 0.62
N GLU A 472 3.65 -1.11 0.57
CA GLU A 472 3.77 0.26 0.09
C GLU A 472 3.35 0.38 -1.37
N PHE A 473 3.70 -0.62 -2.19
CA PHE A 473 3.32 -0.64 -3.58
C PHE A 473 1.80 -0.62 -3.69
N ALA A 474 1.15 -1.34 -2.80
CA ALA A 474 -0.30 -1.49 -2.87
C ALA A 474 -1.00 -0.15 -2.72
N ARG A 475 -0.42 0.73 -1.91
CA ARG A 475 -1.04 2.03 -1.66
C ARG A 475 -0.62 3.07 -2.69
N LEU A 476 0.61 2.95 -3.19
CA LEU A 476 1.07 3.81 -4.27
C LEU A 476 0.29 3.49 -5.52
N GLN A 477 0.00 2.21 -5.72
CA GLN A 477 -0.86 1.77 -6.80
C GLN A 477 -2.19 2.50 -6.68
N PHE A 478 -2.88 2.23 -5.58
CA PHE A 478 -4.17 2.83 -5.27
C PHE A 478 -4.19 4.32 -5.53
N THR A 479 -3.19 5.03 -5.02
CA THR A 479 -3.19 6.48 -5.08
C THR A 479 -3.07 6.96 -6.52
N TYR A 480 -2.09 6.42 -7.25
CA TYR A 480 -1.91 6.78 -8.65
C TYR A 480 -3.14 6.33 -9.45
N ASP A 481 -3.53 5.07 -9.25
CA ASP A 481 -4.69 4.51 -9.93
C ASP A 481 -5.93 5.34 -9.72
N HIS A 482 -6.02 6.07 -8.61
CA HIS A 482 -7.20 6.87 -8.29
C HIS A 482 -7.20 8.21 -9.03
N ILE A 483 -6.15 9.00 -8.81
CA ILE A 483 -5.96 10.25 -9.54
C ILE A 483 -6.00 10.07 -11.05
N GLN A 484 -5.18 9.14 -11.57
CA GLN A 484 -5.17 8.81 -12.99
C GLN A 484 -6.58 8.61 -13.50
N ALA A 485 -7.37 7.85 -12.77
CA ALA A 485 -8.76 7.65 -13.14
C ALA A 485 -9.50 9.00 -13.29
N HIS A 486 -9.32 9.89 -12.32
CA HIS A 486 -10.07 11.13 -12.28
C HIS A 486 -9.66 12.08 -13.37
N VAL A 487 -8.39 12.49 -13.39
CA VAL A 487 -7.94 13.43 -14.40
C VAL A 487 -8.23 12.92 -15.82
N ASN A 488 -8.14 11.61 -16.03
CA ASN A 488 -8.43 11.05 -17.35
C ASN A 488 -9.89 11.21 -17.73
N ASP A 489 -10.78 10.98 -16.78
CA ASP A 489 -12.20 11.21 -16.98
C ASP A 489 -12.45 12.68 -17.34
N MET A 490 -12.11 13.56 -16.41
CA MET A 490 -12.40 15.00 -16.54
C MET A 490 -11.67 15.70 -17.68
N LEU A 491 -10.60 15.12 -18.19
CA LEU A 491 -9.88 15.75 -19.30
C LEU A 491 -10.50 15.29 -20.60
N SER A 492 -11.14 14.12 -20.54
CA SER A 492 -11.85 13.56 -21.68
C SER A 492 -13.16 14.28 -21.84
N ARG A 493 -13.67 14.79 -20.73
CA ARG A 493 -14.90 15.55 -20.74
C ARG A 493 -14.63 16.92 -21.38
N ILE A 494 -13.49 17.51 -21.03
CA ILE A 494 -13.08 18.77 -21.62
C ILE A 494 -12.81 18.61 -23.11
N ALA A 495 -12.08 17.56 -23.47
CA ALA A 495 -11.79 17.28 -24.87
C ALA A 495 -13.05 17.13 -25.70
N ALA A 496 -14.08 16.54 -25.10
CA ALA A 496 -15.34 16.30 -25.80
C ALA A 496 -16.14 17.59 -26.03
N ALA A 497 -16.17 18.44 -25.02
CA ALA A 497 -16.92 19.69 -25.07
C ALA A 497 -16.27 20.63 -26.07
N TRP A 498 -14.95 20.66 -26.07
CA TRP A 498 -14.20 21.50 -26.98
C TRP A 498 -14.57 21.19 -28.41
N CYS A 499 -14.62 19.92 -28.77
CA CYS A 499 -15.02 19.54 -30.12
C CYS A 499 -16.48 19.92 -30.39
N GLU A 500 -17.36 19.69 -29.41
CA GLU A 500 -18.76 20.06 -29.59
C GLU A 500 -18.90 21.56 -29.75
N LEU A 501 -18.10 22.32 -29.02
CA LEU A 501 -18.10 23.77 -29.13
C LEU A 501 -17.55 24.22 -30.48
N GLN A 502 -16.55 23.52 -30.99
CA GLN A 502 -15.99 23.83 -32.30
C GLN A 502 -17.01 23.50 -33.37
N ASN A 503 -17.76 22.41 -33.16
CA ASN A 503 -18.79 21.98 -34.08
C ASN A 503 -19.90 23.02 -34.20
N LYS A 504 -20.32 23.59 -33.07
CA LYS A 504 -21.43 24.53 -33.08
C LYS A 504 -21.01 25.90 -33.59
N ASP A 505 -19.79 26.32 -33.26
CA ASP A 505 -19.28 27.63 -33.66
C ASP A 505 -19.17 27.79 -35.16
N ARG A 506 -19.13 26.68 -35.89
CA ARG A 506 -18.93 26.72 -37.33
C ARG A 506 -20.17 27.26 -38.04
N THR A 507 -21.31 27.20 -37.37
CA THR A 507 -22.52 27.78 -37.90
C THR A 507 -22.40 29.30 -37.93
N LEU A 508 -21.66 29.86 -36.97
CA LEU A 508 -21.41 31.29 -36.93
C LEU A 508 -20.44 31.71 -38.01
N TRP A 509 -19.57 30.80 -38.42
CA TRP A 509 -18.52 31.15 -39.38
C TRP A 509 -19.00 31.06 -40.83
N GLY A 510 -19.95 30.16 -41.08
CA GLY A 510 -20.57 30.09 -42.39
C GLY A 510 -21.43 31.31 -42.68
N GLU A 511 -22.12 31.78 -41.64
CA GLU A 511 -22.91 32.98 -41.76
C GLU A 511 -22.02 34.18 -42.09
N MET A 512 -20.85 34.25 -41.45
CA MET A 512 -19.98 35.41 -41.62
C MET A 512 -19.24 35.39 -42.97
N SER A 513 -19.08 34.19 -43.54
CA SER A 513 -18.47 34.06 -44.86
C SER A 513 -19.43 34.51 -45.96
N ARG A 514 -20.50 35.18 -45.58
CA ARG A 514 -21.42 35.77 -46.54
C ARG A 514 -21.26 37.27 -46.51
N LEU A 515 -21.47 37.82 -45.32
CA LEU A 515 -21.28 39.23 -45.08
C LEU A 515 -19.81 39.61 -45.34
N ASN A 516 -18.90 38.74 -44.90
CA ASN A 516 -17.47 39.05 -44.98
C ASN A 516 -16.61 37.80 -45.12
N PRO A 517 -16.55 37.23 -46.33
CA PRO A 517 -15.72 36.03 -46.56
C PRO A 517 -14.21 36.30 -46.50
N SER A 518 -13.78 37.54 -46.62
CA SER A 518 -12.36 37.82 -46.61
C SER A 518 -11.84 37.86 -45.19
N ALA A 519 -12.66 38.33 -44.26
CA ALA A 519 -12.27 38.37 -42.85
C ALA A 519 -12.22 36.97 -42.26
N VAL A 520 -13.23 36.17 -42.57
CA VAL A 520 -13.22 34.75 -42.22
C VAL A 520 -11.93 34.09 -42.71
N ALA A 521 -11.72 34.14 -44.02
CA ALA A 521 -10.59 33.50 -44.65
C ALA A 521 -9.25 33.96 -44.07
N THR A 522 -9.16 35.21 -43.65
CA THR A 522 -7.93 35.71 -43.05
C THR A 522 -7.67 35.09 -41.69
N ALA A 523 -8.69 35.09 -40.82
CA ALA A 523 -8.56 34.49 -39.50
C ALA A 523 -8.10 33.06 -39.63
N ALA A 524 -8.86 32.28 -40.40
CA ALA A 524 -8.59 30.86 -40.59
C ALA A 524 -7.18 30.56 -41.09
N LEU A 525 -6.70 31.38 -42.02
CA LEU A 525 -5.41 31.15 -42.66
C LEU A 525 -4.27 31.88 -41.95
N GLY A 526 -4.62 32.75 -41.00
CA GLY A 526 -3.63 33.49 -40.24
C GLY A 526 -2.79 34.48 -41.03
N GLN A 527 -3.25 34.78 -42.25
CA GLN A 527 -2.59 35.78 -43.09
C GLN A 527 -3.64 36.57 -43.83
N ARG A 528 -3.27 37.79 -44.28
CA ARG A 528 -4.20 38.70 -44.97
C ARG A 528 -4.53 38.21 -46.38
N VAL A 529 -5.72 37.66 -46.55
CA VAL A 529 -6.19 37.23 -47.86
C VAL A 529 -7.39 38.03 -48.30
N SER A 530 -7.63 38.06 -49.61
CA SER A 530 -8.82 38.67 -50.16
C SER A 530 -9.71 37.57 -50.73
N ALA A 531 -10.97 37.55 -50.32
CA ALA A 531 -11.87 36.49 -50.72
C ALA A 531 -13.29 36.96 -50.93
N ARG A 532 -14.06 36.16 -51.68
CA ARG A 532 -15.46 36.46 -51.93
C ARG A 532 -16.16 35.22 -52.47
N MET A 533 -17.48 35.18 -52.33
CA MET A 533 -18.22 33.96 -52.62
C MET A 533 -18.52 33.78 -54.10
N LEU A 534 -18.21 32.59 -54.59
CA LEU A 534 -18.67 32.14 -55.90
C LEU A 534 -19.82 31.18 -55.68
N GLY A 535 -20.93 31.71 -55.19
CA GLY A 535 -22.07 30.89 -54.84
C GLY A 535 -21.89 30.22 -53.47
N ASP A 536 -21.49 28.96 -53.50
CA ASP A 536 -21.37 28.17 -52.29
C ASP A 536 -19.93 27.91 -51.94
N VAL A 537 -19.03 28.64 -52.59
CA VAL A 537 -17.60 28.37 -52.44
C VAL A 537 -16.84 29.68 -52.34
N MET A 538 -15.58 29.60 -51.94
CA MET A 538 -14.79 30.79 -51.73
C MET A 538 -13.63 30.87 -52.72
N ALA A 539 -13.47 32.03 -53.34
CA ALA A 539 -12.31 32.30 -54.18
C ALA A 539 -11.36 33.14 -53.35
N ILE A 540 -10.06 32.86 -53.46
CA ILE A 540 -9.08 33.39 -52.51
C ILE A 540 -7.82 33.91 -53.19
N SER A 541 -7.32 35.05 -52.72
CA SER A 541 -6.01 35.57 -53.16
C SER A 541 -5.25 36.20 -52.00
N ARG A 542 -3.96 36.43 -52.21
CA ARG A 542 -3.11 37.02 -51.19
C ARG A 542 -3.33 38.54 -51.06
N CYS A 543 -2.59 39.18 -50.17
CA CYS A 543 -2.55 40.63 -50.07
C CYS A 543 -1.11 41.11 -50.01
N VAL A 544 -0.80 42.18 -50.72
CA VAL A 544 0.56 42.66 -50.85
C VAL A 544 0.83 43.92 -50.03
N GLU A 545 1.95 43.94 -49.32
CA GLU A 545 2.31 45.07 -48.47
C GLU A 545 2.55 46.37 -49.23
N VAL A 546 2.42 47.48 -48.52
CA VAL A 546 2.80 48.80 -49.02
C VAL A 546 3.66 49.44 -47.94
N ARG A 547 4.24 50.60 -48.21
CA ARG A 547 5.14 51.24 -47.24
C ARG A 547 4.39 52.18 -46.28
N GLY A 548 5.12 52.74 -45.32
CA GLY A 548 4.57 53.72 -44.41
C GLY A 548 4.46 55.07 -45.11
N GLY A 549 5.17 55.19 -46.23
CA GLY A 549 5.06 56.35 -47.09
C GLY A 549 3.70 56.36 -47.75
N VAL A 550 2.68 56.69 -46.96
CA VAL A 550 1.33 56.85 -47.47
C VAL A 550 0.78 58.14 -46.89
N TYR A 551 -0.02 58.86 -47.67
CA TYR A 551 -0.49 60.18 -47.27
C TYR A 551 -2.01 60.28 -47.31
N VAL A 552 -2.56 60.98 -46.32
CA VAL A 552 -4.00 61.18 -46.23
C VAL A 552 -4.37 62.60 -46.66
N GLN A 553 -5.58 62.77 -47.14
CA GLN A 553 -5.98 64.08 -47.63
C GLN A 553 -6.96 64.72 -46.68
N ASN A 554 -6.83 66.04 -46.54
CA ASN A 554 -7.67 66.80 -45.62
C ASN A 554 -9.14 66.74 -46.00
N SER A 555 -9.42 66.67 -47.29
CA SER A 555 -10.79 66.66 -47.79
C SER A 555 -11.39 65.26 -47.85
N MET A 556 -12.64 65.14 -47.43
CA MET A 556 -13.41 63.90 -47.60
C MET A 556 -14.68 64.20 -48.39
N ARG A 557 -14.84 65.48 -48.73
CA ARG A 557 -15.97 65.93 -49.53
C ARG A 557 -15.69 65.66 -51.00
N VAL A 558 -16.68 65.10 -51.69
CA VAL A 558 -16.56 64.85 -53.11
C VAL A 558 -16.64 66.18 -53.86
N PRO A 559 -15.63 66.49 -54.68
CA PRO A 559 -15.61 67.76 -55.40
C PRO A 559 -16.72 67.85 -56.44
N GLY A 560 -16.85 66.83 -57.29
CA GLY A 560 -17.81 66.84 -58.37
C GLY A 560 -19.26 67.01 -57.97
N GLU A 561 -19.58 66.71 -56.72
CA GLU A 561 -20.96 66.77 -56.26
C GLU A 561 -21.09 67.31 -54.84
N ARG A 562 -22.06 68.20 -54.64
CA ARG A 562 -22.48 68.55 -53.30
C ARG A 562 -23.43 67.48 -52.83
N GLY A 563 -23.66 67.40 -51.52
CA GLY A 563 -24.61 66.44 -50.98
C GLY A 563 -24.03 65.06 -50.71
N THR A 564 -23.32 64.51 -51.69
CA THR A 564 -22.70 63.20 -51.50
C THR A 564 -21.23 63.36 -51.13
N CYS A 565 -20.85 62.76 -50.01
CA CYS A 565 -19.46 62.79 -49.58
C CYS A 565 -18.85 61.41 -49.70
N TYR A 566 -17.57 61.32 -49.40
CA TYR A 566 -16.91 60.04 -49.27
C TYR A 566 -17.10 59.56 -47.84
N SER A 567 -17.26 58.25 -47.67
CA SER A 567 -17.42 57.68 -46.34
C SER A 567 -16.08 57.54 -45.64
N ARG A 568 -15.11 56.93 -46.33
CA ARG A 568 -13.79 56.64 -45.76
C ARG A 568 -12.69 57.38 -46.52
N PRO A 569 -11.68 57.89 -45.77
CA PRO A 569 -10.64 58.81 -46.25
C PRO A 569 -10.00 58.46 -47.58
N LEU A 570 -9.52 59.50 -48.26
CA LEU A 570 -8.83 59.35 -49.52
C LEU A 570 -7.33 59.31 -49.27
N VAL A 571 -6.64 58.36 -49.90
CA VAL A 571 -5.20 58.27 -49.74
C VAL A 571 -4.48 58.18 -51.08
N THR A 572 -3.26 58.69 -51.13
CA THR A 572 -2.41 58.49 -52.29
C THR A 572 -1.25 57.59 -51.91
N PHE A 573 -1.43 56.29 -52.07
CA PHE A 573 -0.40 55.33 -51.69
C PHE A 573 0.47 54.92 -52.88
N GLU A 574 1.70 54.54 -52.58
CA GLU A 574 2.73 54.35 -53.58
C GLU A 574 3.22 52.92 -53.53
N HIS A 575 3.29 52.27 -54.69
CA HIS A 575 3.73 50.87 -54.77
C HIS A 575 4.99 50.65 -53.95
N ASN A 576 6.01 51.47 -54.18
CA ASN A 576 7.19 51.46 -53.33
C ASN A 576 7.16 52.64 -52.34
N GLY A 577 8.31 53.26 -52.13
CA GLY A 577 8.40 54.43 -51.29
C GLY A 577 8.76 55.65 -52.11
N THR A 578 8.31 55.66 -53.36
CA THR A 578 8.67 56.71 -54.32
C THR A 578 7.78 56.72 -55.57
N GLY A 579 6.45 56.69 -55.39
CA GLY A 579 5.51 56.70 -56.49
C GLY A 579 4.18 57.38 -56.17
N VAL A 580 3.13 57.09 -56.95
CA VAL A 580 1.78 57.61 -56.69
C VAL A 580 0.67 56.84 -57.44
N ILE A 581 -0.39 56.52 -56.70
CA ILE A 581 -1.62 55.91 -57.23
C ILE A 581 -2.79 56.36 -56.35
N GLU A 582 -3.91 56.74 -56.97
CA GLU A 582 -5.03 57.25 -56.20
C GLU A 582 -6.00 56.16 -55.78
N GLY A 583 -6.21 56.03 -54.47
CA GLY A 583 -7.13 55.05 -53.90
C GLY A 583 -7.70 55.55 -52.58
N GLN A 584 -8.54 54.75 -51.94
CA GLN A 584 -9.02 55.16 -50.63
C GLN A 584 -8.87 54.06 -49.59
N LEU A 585 -9.12 54.44 -48.34
CA LEU A 585 -8.78 53.60 -47.20
C LEU A 585 -9.88 52.62 -46.88
N GLY A 586 -9.50 51.38 -46.63
CA GLY A 586 -10.43 50.34 -46.23
C GLY A 586 -10.22 49.99 -44.77
N ASP A 587 -10.80 48.87 -44.34
CA ASP A 587 -10.67 48.44 -42.96
C ASP A 587 -9.29 47.84 -42.70
N ASP A 588 -8.86 47.91 -41.44
CA ASP A 588 -7.61 47.28 -40.99
C ASP A 588 -6.44 47.54 -41.92
N ASN A 589 -6.20 48.81 -42.21
CA ASN A 589 -5.08 49.22 -43.04
C ASN A 589 -5.02 48.49 -44.38
N GLU A 590 -6.18 48.32 -45.01
CA GLU A 590 -6.23 47.86 -46.39
C GLU A 590 -6.39 49.07 -47.28
N LEU A 591 -5.49 49.20 -48.25
CA LEU A 591 -5.59 50.31 -49.19
C LEU A 591 -6.36 49.85 -50.42
N LEU A 592 -7.47 50.51 -50.66
CA LEU A 592 -8.29 50.18 -51.81
C LEU A 592 -7.79 50.90 -53.05
N ILE A 593 -8.51 50.76 -54.15
CA ILE A 593 -8.17 51.50 -55.36
C ILE A 593 -9.33 52.40 -55.76
N SER A 594 -10.39 51.80 -56.30
CA SER A 594 -11.55 52.55 -56.76
C SER A 594 -12.14 53.39 -55.64
N ARG A 595 -12.40 54.67 -55.93
CA ARG A 595 -12.93 55.60 -54.96
C ARG A 595 -14.44 55.75 -55.09
N ASP A 596 -15.17 54.70 -54.73
CA ASP A 596 -16.63 54.76 -54.78
C ASP A 596 -17.24 54.23 -53.49
N LEU A 597 -16.72 54.71 -52.37
CA LEU A 597 -17.38 54.54 -51.09
C LEU A 597 -18.02 55.86 -50.72
N ILE A 598 -19.26 56.06 -51.15
CA ILE A 598 -19.87 57.37 -51.09
C ILE A 598 -21.18 57.35 -50.33
N GLU A 599 -21.38 58.36 -49.50
CA GLU A 599 -22.60 58.53 -48.74
C GLU A 599 -23.11 59.95 -48.85
N PRO A 600 -24.41 60.16 -48.58
CA PRO A 600 -24.92 61.53 -48.41
C PRO A 600 -24.25 62.24 -47.22
N CYS A 601 -24.11 63.57 -47.32
CA CYS A 601 -23.50 64.36 -46.26
C CYS A 601 -24.45 64.51 -45.07
N THR A 602 -23.89 64.51 -43.87
CA THR A 602 -24.69 64.68 -42.65
C THR A 602 -24.08 65.74 -41.74
N GLY A 603 -24.93 66.44 -41.00
CA GLY A 603 -24.48 67.32 -39.95
C GLY A 603 -24.11 66.47 -38.75
N ASN A 604 -23.44 67.07 -37.77
CA ASN A 604 -22.92 66.34 -36.62
C ASN A 604 -22.08 65.16 -37.10
N HIS A 605 -20.94 65.45 -37.72
CA HIS A 605 -20.13 64.40 -38.33
C HIS A 605 -18.74 64.31 -37.73
N ARG A 606 -18.56 63.39 -36.78
CA ARG A 606 -17.25 63.04 -36.28
C ARG A 606 -16.90 61.65 -36.82
N ARG A 607 -15.62 61.45 -37.13
CA ARG A 607 -15.18 60.15 -37.63
C ARG A 607 -13.75 59.82 -37.21
N TYR A 608 -13.53 58.56 -36.83
CA TYR A 608 -12.19 58.04 -36.58
C TYR A 608 -11.88 56.93 -37.58
N PHE A 609 -10.64 56.88 -38.06
CA PHE A 609 -10.23 55.83 -39.00
C PHE A 609 -8.86 55.26 -38.63
N LYS A 610 -8.59 54.01 -39.02
CA LYS A 610 -7.38 53.30 -38.60
C LYS A 610 -6.19 53.57 -39.53
N LEU A 611 -5.04 53.87 -38.95
CA LEU A 611 -3.85 54.17 -39.74
C LEU A 611 -2.58 53.68 -39.07
N GLY A 612 -2.06 52.57 -39.56
CA GLY A 612 -0.92 51.93 -38.93
C GLY A 612 -1.24 51.51 -37.52
N GLY A 613 -0.70 52.24 -36.56
CA GLY A 613 -0.99 52.00 -35.16
C GLY A 613 -2.03 52.96 -34.62
N GLY A 614 -1.91 54.23 -35.00
CA GLY A 614 -2.81 55.26 -34.49
C GLY A 614 -4.05 55.41 -35.33
N TYR A 615 -4.88 56.39 -34.98
CA TYR A 615 -6.09 56.66 -35.74
C TYR A 615 -6.12 58.10 -36.20
N VAL A 616 -7.09 58.43 -37.05
CA VAL A 616 -7.19 59.78 -37.57
C VAL A 616 -8.61 60.33 -37.38
N TYR A 617 -8.69 61.59 -36.93
CA TYR A 617 -9.97 62.21 -36.64
C TYR A 617 -10.45 63.08 -37.80
N TYR A 618 -11.76 63.08 -38.03
CA TYR A 618 -12.38 63.90 -39.05
C TYR A 618 -13.66 64.54 -38.51
N GLU A 619 -13.70 65.87 -38.51
CA GLU A 619 -14.90 66.59 -38.10
C GLU A 619 -15.51 67.35 -39.28
N ASP A 620 -16.79 67.09 -39.53
CA ASP A 620 -17.51 67.66 -40.67
C ASP A 620 -16.77 67.39 -41.99
N TYR A 621 -16.46 66.12 -42.21
CA TYR A 621 -15.86 65.65 -43.46
C TYR A 621 -14.52 66.31 -43.79
N SER A 622 -13.80 66.72 -42.76
CA SER A 622 -12.51 67.37 -42.95
C SER A 622 -11.47 66.86 -41.95
N TYR A 623 -10.23 66.72 -42.39
CA TYR A 623 -9.16 66.26 -41.51
C TYR A 623 -9.02 67.16 -40.31
N VAL A 624 -8.59 66.59 -39.18
CA VAL A 624 -8.34 67.39 -37.99
C VAL A 624 -7.00 67.02 -37.37
N ARG A 625 -6.93 65.87 -36.71
CA ARG A 625 -5.72 65.44 -35.98
C ARG A 625 -5.53 63.93 -35.99
N MET A 626 -4.45 63.48 -35.35
CA MET A 626 -4.15 62.07 -35.19
C MET A 626 -4.32 61.65 -33.73
N VAL A 627 -5.26 60.74 -33.47
CA VAL A 627 -5.62 60.43 -32.10
C VAL A 627 -4.94 59.18 -31.58
N GLU A 628 -5.00 59.02 -30.27
CA GLU A 628 -4.65 57.77 -29.63
C GLU A 628 -5.94 56.97 -29.44
N VAL A 629 -5.85 55.86 -28.71
CA VAL A 629 -7.01 55.03 -28.36
C VAL A 629 -6.83 54.32 -27.03
N PRO A 630 -6.55 55.10 -25.97
CA PRO A 630 -6.17 54.50 -24.69
C PRO A 630 -7.31 53.77 -24.03
N GLU A 631 -8.50 53.87 -24.62
CA GLU A 631 -9.67 53.20 -24.07
C GLU A 631 -10.03 51.98 -24.91
N THR A 632 -10.11 50.83 -24.24
CA THR A 632 -10.37 49.56 -24.89
C THR A 632 -11.57 48.82 -24.30
N ILE A 633 -12.05 47.82 -25.03
CA ILE A 633 -13.22 47.03 -24.66
C ILE A 633 -12.97 45.58 -25.05
N SER A 634 -13.26 44.63 -24.14
CA SER A 634 -12.86 43.25 -24.38
C SER A 634 -14.01 42.26 -24.26
N THR A 635 -14.13 41.38 -25.24
CA THR A 635 -15.16 40.34 -25.22
C THR A 635 -14.58 39.04 -24.71
N ARG A 636 -13.38 39.15 -24.12
CA ARG A 636 -12.58 38.01 -23.70
C ARG A 636 -13.03 37.44 -22.39
N VAL A 637 -13.03 36.11 -22.36
CA VAL A 637 -13.19 35.37 -21.13
C VAL A 637 -11.82 34.94 -20.64
N THR A 638 -11.49 35.35 -19.42
CA THR A 638 -10.16 35.08 -18.91
C THR A 638 -10.07 33.67 -18.30
N LEU A 639 -8.87 33.13 -18.30
CA LEU A 639 -8.59 31.80 -17.75
C LEU A 639 -7.17 31.74 -17.24
N ASN A 640 -6.96 32.12 -15.99
CA ASN A 640 -5.63 32.04 -15.38
C ASN A 640 -5.41 30.69 -14.73
N LEU A 641 -4.81 29.78 -15.49
CA LEU A 641 -4.31 28.54 -14.91
C LEU A 641 -2.90 28.79 -14.40
N THR A 642 -2.52 28.15 -13.29
CA THR A 642 -1.15 28.20 -12.81
C THR A 642 -0.60 26.79 -12.74
N LEU A 643 0.72 26.66 -12.69
CA LEU A 643 1.35 25.34 -12.69
C LEU A 643 1.41 24.72 -11.30
N LEU A 644 1.43 23.38 -11.27
CA LEU A 644 1.71 22.61 -10.07
C LEU A 644 3.19 22.69 -9.77
N GLU A 645 3.52 23.01 -8.52
CA GLU A 645 4.91 23.28 -8.13
C GLU A 645 5.73 22.04 -7.81
N ASP A 646 7.04 22.17 -7.94
CA ASP A 646 7.97 21.12 -7.55
C ASP A 646 7.84 20.84 -6.06
N ARG A 647 7.84 19.56 -5.71
CA ARG A 647 7.89 19.16 -4.32
C ARG A 647 9.13 18.32 -4.12
N GLU A 648 9.69 18.39 -2.92
CA GLU A 648 10.88 17.61 -2.58
C GLU A 648 10.58 16.65 -1.45
N PHE A 649 10.51 15.36 -1.78
CA PHE A 649 10.33 14.31 -0.77
C PHE A 649 11.67 13.83 -0.20
N LEU A 650 12.03 14.40 0.93
CA LEU A 650 13.25 14.01 1.65
C LEU A 650 12.98 12.72 2.41
N PRO A 651 14.04 11.91 2.64
CA PRO A 651 13.86 10.67 3.37
C PRO A 651 13.23 10.90 4.74
N LEU A 652 12.15 10.19 5.04
CA LEU A 652 11.50 10.35 6.32
C LEU A 652 11.24 9.00 6.98
N GLU A 653 12.14 8.60 7.88
CA GLU A 653 11.95 7.40 8.69
C GLU A 653 11.51 7.78 10.10
N VAL A 654 10.60 6.99 10.68
CA VAL A 654 10.18 7.24 12.05
C VAL A 654 11.24 6.65 12.96
N TYR A 655 11.56 5.38 12.71
CA TYR A 655 12.57 4.66 13.46
C TYR A 655 13.64 4.11 12.53
N THR A 656 14.90 4.46 12.80
CA THR A 656 16.01 3.87 12.05
C THR A 656 16.22 2.46 12.57
N ARG A 657 16.93 1.66 11.80
CA ARG A 657 17.11 0.26 12.18
C ARG A 657 17.98 0.17 13.42
N GLU A 658 18.88 1.13 13.58
CA GLU A 658 19.71 1.21 14.77
C GLU A 658 18.82 1.20 16.00
N GLU A 659 17.91 2.17 16.08
CA GLU A 659 16.98 2.25 17.20
C GLU A 659 16.17 0.97 17.35
N LEU A 660 15.92 0.30 16.23
CA LEU A 660 15.00 -0.81 16.21
C LEU A 660 15.62 -2.04 16.84
N ALA A 661 16.96 -2.10 16.83
CA ALA A 661 17.69 -3.21 17.43
C ALA A 661 17.96 -2.94 18.91
N ASP A 662 18.14 -1.68 19.23
CA ASP A 662 18.49 -1.23 20.58
C ASP A 662 17.31 -1.31 21.53
N THR A 663 16.15 -1.74 21.04
CA THR A 663 14.97 -1.79 21.90
C THR A 663 15.08 -2.84 23.00
N GLY A 664 15.78 -3.93 22.72
CA GLY A 664 15.89 -5.03 23.66
C GLY A 664 16.72 -4.75 24.90
N LEU A 665 16.31 -5.32 26.03
CA LEU A 665 17.03 -5.18 27.30
C LEU A 665 18.49 -5.68 27.24
N LEU A 666 18.69 -6.82 26.61
CA LEU A 666 20.03 -7.38 26.47
C LEU A 666 20.37 -7.71 25.03
N ASP A 667 21.64 -7.51 24.68
CA ASP A 667 22.14 -7.90 23.37
C ASP A 667 23.15 -9.03 23.51
N TYR A 668 22.73 -10.24 23.18
CA TYR A 668 23.55 -11.44 23.30
C TYR A 668 24.89 -11.32 22.55
N SER A 669 24.94 -10.47 21.54
CA SER A 669 26.18 -10.25 20.83
C SER A 669 27.08 -9.32 21.61
N GLU A 670 26.52 -8.29 22.24
CA GLU A 670 27.30 -7.29 22.97
C GLU A 670 27.79 -7.78 24.33
N ILE A 671 27.18 -8.85 24.84
CA ILE A 671 27.54 -9.40 26.15
C ILE A 671 28.62 -10.48 26.03
N GLN A 672 28.51 -11.32 25.01
CA GLN A 672 29.57 -12.28 24.71
C GLN A 672 30.80 -11.49 24.29
N ARG A 673 30.55 -10.45 23.51
CA ARG A 673 31.59 -9.51 23.11
C ARG A 673 32.39 -9.12 24.32
N ARG A 674 31.71 -8.79 25.41
CA ARG A 674 32.38 -8.43 26.65
C ARG A 674 32.93 -9.66 27.36
N ASN A 675 32.08 -10.41 28.07
CA ASN A 675 32.49 -11.67 28.74
C ASN A 675 33.27 -12.56 27.77
N GLN A 676 34.58 -12.44 27.86
CA GLN A 676 35.54 -13.19 27.06
C GLN A 676 36.84 -12.45 27.32
N LEU A 677 36.76 -11.12 27.14
CA LEU A 677 37.82 -10.21 27.59
C LEU A 677 38.41 -10.43 29.01
N HIS A 678 37.81 -11.32 29.82
CA HIS A 678 38.49 -11.87 31.02
C HIS A 678 39.89 -12.53 30.75
N ALA A 679 40.50 -12.21 29.61
CA ALA A 679 41.95 -11.92 29.61
C ALA A 679 42.02 -10.53 30.29
N LEU A 680 41.72 -10.51 31.62
CA LEU A 680 41.54 -9.24 32.40
C LEU A 680 41.23 -9.30 33.93
N LYS A 681 40.40 -8.32 34.29
CA LYS A 681 39.33 -8.44 35.29
C LYS A 681 38.39 -9.62 34.97
#